data_9HS7
#
_entry.id   9HS7
#
_cell.length_a   65.435
_cell.length_b   65.435
_cell.length_c   88.769
_cell.angle_alpha   90.000
_cell.angle_beta   90.000
_cell.angle_gamma   120.000
#
_symmetry.space_group_name_H-M   'P 65'
#
loop_
_entity.id
_entity.type
_entity.pdbx_description
1 polymer 'Transmembrane protein gp41'
2 non-polymer DI(HYDROXYETHYL)ETHER
3 water water
#
_entity_poly.entity_id   1
_entity_poly.type   'polypeptide(L)'
_entity_poly.pdbx_seq_one_letter_code
;MTCGAASMTKTVQARQKLSGIVQKQNNLLRKIEAIQHLLQRGLICGPQLLHQIAEIERELNNQEQEIGSLKQRAQVEKTM
SAASGCGMGPASMTLDVQARQLLSGIDQQQNNLKRAIEAIKHLLQLTCWGGGGSHHHHHH
;
_entity_poly.pdbx_strand_id   A
#
# COMPACT_ATOMS: atom_id res chain seq x y z
N CYS A 3 24.51 18.37 4.24
CA CYS A 3 24.57 17.14 3.41
C CYS A 3 25.26 16.01 4.20
N GLY A 4 24.86 14.75 3.98
CA GLY A 4 25.45 13.60 4.68
C GLY A 4 24.78 12.31 4.29
N ALA A 5 24.21 11.57 5.27
CA ALA A 5 23.54 10.27 5.03
C ALA A 5 22.44 10.07 6.08
N ALA A 6 21.58 9.06 5.89
CA ALA A 6 20.45 8.79 6.80
C ALA A 6 20.94 8.30 8.17
N SER A 7 20.14 8.46 9.23
CA SER A 7 20.47 8.00 10.58
C SER A 7 19.64 6.77 10.96
N MET A 8 19.96 6.22 12.14
CA MET A 8 19.35 4.97 12.57
C MET A 8 17.92 5.18 13.06
N THR A 9 17.62 6.34 13.67
CA THR A 9 16.27 6.61 14.14
C THR A 9 15.31 6.86 12.98
N LYS A 10 15.82 7.39 11.86
CA LYS A 10 15.03 7.52 10.65
C LYS A 10 14.89 6.20 9.92
N THR A 11 16.00 5.45 9.82
CA THR A 11 15.99 4.17 9.13
C THR A 11 15.02 3.18 9.77
N VAL A 12 14.85 3.24 11.10
CA VAL A 12 13.88 2.38 11.78
C VAL A 12 12.46 2.95 11.62
N GLN A 13 12.31 4.27 11.72
CA GLN A 13 11.02 4.90 11.43
C GLN A 13 10.47 4.44 10.08
N ALA A 14 11.32 4.51 9.05
CA ALA A 14 10.87 4.16 7.70
C ALA A 14 10.67 2.65 7.53
N ARG A 15 11.58 1.83 8.06
CA ARG A 15 11.32 0.39 8.06
C ARG A 15 10.01 0.09 8.74
N GLN A 16 9.81 0.64 9.94
CA GLN A 16 8.56 0.42 10.65
C GLN A 16 7.37 0.91 9.85
N LYS A 17 7.53 2.00 9.09
CA LYS A 17 6.44 2.47 8.22
C LYS A 17 6.12 1.43 7.15
N LEU A 18 7.14 0.98 6.42
CA LEU A 18 6.93 -0.14 5.51
C LEU A 18 6.24 -1.31 6.22
N SER A 19 6.65 -1.61 7.45
CA SER A 19 6.09 -2.79 8.09
C SER A 19 4.61 -2.60 8.37
N GLY A 20 4.21 -1.37 8.73
CA GLY A 20 2.80 -1.11 9.02
C GLY A 20 1.91 -1.19 7.80
N ILE A 21 2.45 -0.76 6.64
CA ILE A 21 1.72 -0.90 5.38
C ILE A 21 1.48 -2.37 5.06
N VAL A 22 2.54 -3.17 5.11
CA VAL A 22 2.38 -4.61 4.92
C VAL A 22 1.24 -5.11 5.79
N GLN A 23 1.23 -4.70 7.06
CA GLN A 23 0.19 -5.15 7.97
C GLN A 23 -1.19 -4.63 7.54
N LYS A 24 -1.27 -3.38 7.11
CA LYS A 24 -2.57 -2.88 6.69
C LYS A 24 -3.05 -3.64 5.46
N GLN A 25 -2.14 -3.90 4.52
CA GLN A 25 -2.53 -4.62 3.33
C GLN A 25 -3.05 -6.00 3.70
N ASN A 26 -2.43 -6.59 4.71
CA ASN A 26 -2.83 -7.96 5.05
C ASN A 26 -4.19 -7.98 5.73
N ASN A 27 -4.45 -7.00 6.57
CA ASN A 27 -5.80 -6.87 7.13
C ASN A 27 -6.84 -6.60 6.04
N LEU A 28 -6.55 -5.70 5.11
CA LEU A 28 -7.52 -5.48 4.04
C LEU A 28 -7.80 -6.76 3.26
N LEU A 29 -6.76 -7.54 3.03
CA LEU A 29 -6.92 -8.77 2.28
C LEU A 29 -7.84 -9.69 3.02
N ARG A 30 -7.73 -9.73 4.34
CA ARG A 30 -8.62 -10.60 5.10
C ARG A 30 -10.06 -10.12 5.04
N LYS A 31 -10.26 -8.81 5.02
CA LYS A 31 -11.62 -8.29 4.86
C LYS A 31 -12.18 -8.57 3.46
N ILE A 32 -11.35 -8.51 2.43
CA ILE A 32 -11.82 -8.84 1.09
C ILE A 32 -12.09 -10.32 0.97
N GLU A 33 -11.21 -11.17 1.50
CA GLU A 33 -11.51 -12.60 1.52
C GLU A 33 -12.82 -12.90 2.24
N ALA A 34 -13.13 -12.18 3.29
CA ALA A 34 -14.38 -12.44 3.99
C ALA A 34 -15.58 -12.11 3.12
N ILE A 35 -15.54 -11.00 2.42
CA ILE A 35 -16.64 -10.74 1.50
C ILE A 35 -16.70 -11.81 0.46
N GLN A 36 -15.57 -12.23 -0.08
CA GLN A 36 -15.62 -13.25 -1.13
C GLN A 36 -16.31 -14.52 -0.62
N HIS A 37 -16.02 -14.91 0.60
CA HIS A 37 -16.60 -16.11 1.16
C HIS A 37 -18.08 -15.91 1.44
N LEU A 38 -18.46 -14.72 1.89
CA LEU A 38 -19.89 -14.45 2.06
C LEU A 38 -20.65 -14.71 0.78
N LEU A 39 -20.14 -14.18 -0.34
CA LEU A 39 -20.84 -14.33 -1.60
C LEU A 39 -20.80 -15.76 -2.13
N GLN A 40 -19.86 -16.58 -1.67
CA GLN A 40 -19.92 -18.00 -2.00
C GLN A 40 -20.99 -18.71 -1.19
N ARG A 41 -21.29 -18.18 0.00
CA ARG A 41 -22.29 -18.79 0.91
C ARG A 41 -23.71 -18.55 0.40
N GLY A 42 -23.94 -17.58 -0.50
CA GLY A 42 -25.27 -17.29 -0.96
C GLY A 42 -25.43 -15.84 -1.32
N LEU A 43 -26.67 -15.46 -1.59
CA LEU A 43 -26.99 -14.15 -2.12
C LEU A 43 -27.12 -13.16 -0.98
N ILE A 44 -26.35 -12.07 -1.03
CA ILE A 44 -26.40 -10.97 -0.01
C ILE A 44 -26.49 -9.65 -0.78
N CYS A 45 -27.64 -9.30 -1.33
CA CYS A 45 -27.78 -8.05 -2.07
C CYS A 45 -28.14 -6.94 -1.10
N GLY A 46 -27.52 -5.78 -1.28
CA GLY A 46 -27.98 -4.61 -0.61
C GLY A 46 -26.86 -3.70 -0.25
N PRO A 47 -27.21 -2.60 0.41
CA PRO A 47 -26.18 -1.58 0.72
C PRO A 47 -25.24 -2.02 1.80
N GLN A 48 -25.58 -3.05 2.57
CA GLN A 48 -24.70 -3.52 3.64
C GLN A 48 -23.31 -3.84 3.13
N LEU A 49 -23.17 -4.72 2.13
CA LEU A 49 -21.87 -5.00 1.62
C LEU A 49 -21.31 -3.90 0.72
N LEU A 50 -22.14 -3.06 0.11
CA LEU A 50 -21.53 -1.96 -0.66
C LEU A 50 -20.81 -0.98 0.25
N HIS A 51 -21.38 -0.67 1.42
CA HIS A 51 -20.68 0.20 2.38
C HIS A 51 -19.32 -0.36 2.76
N GLN A 52 -19.21 -1.67 2.94
CA GLN A 52 -17.92 -2.20 3.31
C GLN A 52 -16.96 -2.17 2.15
N ILE A 53 -17.46 -2.47 0.95
CA ILE A 53 -16.62 -2.37 -0.22
C ILE A 53 -16.10 -0.95 -0.34
N ALA A 54 -16.96 0.01 -0.08
CA ALA A 54 -16.56 1.41 -0.18
C ALA A 54 -15.51 1.78 0.86
N GLU A 55 -15.67 1.34 2.11
N GLU A 55 -15.68 1.31 2.10
CA GLU A 55 -14.60 1.57 3.08
CA GLU A 55 -14.66 1.50 3.12
C GLU A 55 -13.31 0.88 2.68
C GLU A 55 -13.33 0.87 2.70
N ILE A 56 -13.36 -0.29 2.04
CA ILE A 56 -12.14 -0.96 1.62
C ILE A 56 -11.47 -0.18 0.51
N GLU A 57 -12.24 0.26 -0.49
CA GLU A 57 -11.59 1.08 -1.51
C GLU A 57 -10.99 2.32 -0.87
N ARG A 58 -11.65 2.84 0.15
N ARG A 58 -11.66 2.87 0.14
CA ARG A 58 -11.19 4.05 0.80
CA ARG A 58 -11.15 4.09 0.76
C ARG A 58 -9.80 3.83 1.34
C ARG A 58 -9.78 3.85 1.36
N GLU A 59 -9.65 2.82 2.20
CA GLU A 59 -8.36 2.51 2.77
C GLU A 59 -7.34 2.13 1.69
N LEU A 60 -7.77 1.43 0.63
CA LEU A 60 -6.83 1.15 -0.45
C LEU A 60 -6.30 2.42 -1.07
N ASN A 61 -7.17 3.41 -1.29
CA ASN A 61 -6.71 4.65 -1.93
C ASN A 61 -5.78 5.43 -1.01
N ASN A 62 -6.08 5.47 0.29
CA ASN A 62 -5.11 6.00 1.24
C ASN A 62 -3.77 5.31 1.10
N GLN A 63 -3.77 3.99 1.03
CA GLN A 63 -2.49 3.32 0.91
C GLN A 63 -1.79 3.65 -0.39
N GLU A 64 -2.55 3.85 -1.48
CA GLU A 64 -1.89 4.25 -2.72
C GLU A 64 -1.06 5.51 -2.49
N GLN A 65 -1.60 6.47 -1.74
CA GLN A 65 -0.87 7.70 -1.45
C GLN A 65 0.32 7.46 -0.52
N GLU A 66 0.08 6.87 0.65
CA GLU A 66 1.20 6.55 1.52
C GLU A 66 2.35 5.91 0.76
N ILE A 67 2.03 5.08 -0.24
CA ILE A 67 3.06 4.33 -0.96
C ILE A 67 3.70 5.21 -2.03
N GLY A 68 2.91 6.01 -2.73
CA GLY A 68 3.50 6.92 -3.67
C GLY A 68 4.32 7.98 -2.96
N SER A 69 3.93 8.34 -1.74
CA SER A 69 4.73 9.33 -1.04
C SER A 69 6.10 8.79 -0.74
N LEU A 70 6.18 7.53 -0.27
CA LEU A 70 7.47 6.95 0.06
C LEU A 70 8.32 6.85 -1.19
N LYS A 71 7.73 6.49 -2.30
CA LYS A 71 8.52 6.35 -3.50
C LYS A 71 9.08 7.69 -3.90
N GLN A 72 8.26 8.72 -3.80
CA GLN A 72 8.62 10.04 -4.28
C GLN A 72 9.57 10.72 -3.29
N ARG A 73 9.40 10.48 -2.00
CA ARG A 73 10.37 10.93 -1.02
C ARG A 73 11.75 10.33 -1.27
N ALA A 74 11.80 9.09 -1.75
CA ALA A 74 13.11 8.55 -2.11
C ALA A 74 13.69 9.33 -3.26
N GLN A 75 12.82 9.73 -4.18
CA GLN A 75 13.25 10.53 -5.31
C GLN A 75 13.73 11.90 -4.86
N VAL A 76 13.09 12.47 -3.84
CA VAL A 76 13.56 13.75 -3.36
C VAL A 76 14.94 13.61 -2.72
N GLU A 77 15.16 12.53 -1.96
CA GLU A 77 16.44 12.38 -1.29
C GLU A 77 17.55 12.17 -2.30
N LYS A 78 17.33 11.31 -3.28
CA LYS A 78 18.31 11.06 -4.33
C LYS A 78 18.70 12.35 -5.01
N THR A 79 17.73 13.16 -5.40
CA THR A 79 18.05 14.34 -6.19
C THR A 79 18.69 15.44 -5.37
N MET A 80 18.20 15.61 -4.14
CA MET A 80 18.83 16.56 -3.26
C MET A 80 20.26 16.18 -2.99
N SER A 81 20.53 14.92 -2.76
CA SER A 81 21.90 14.52 -2.50
C SER A 81 22.80 14.85 -3.70
N ALA A 82 22.33 14.56 -4.92
CA ALA A 82 23.13 14.88 -6.11
C ALA A 82 23.40 16.36 -6.17
N ALA A 83 22.41 17.15 -5.82
CA ALA A 83 22.51 18.60 -5.92
C ALA A 83 23.40 19.15 -4.84
N SER A 84 23.65 18.38 -3.80
CA SER A 84 24.48 18.90 -2.70
C SER A 84 25.93 18.48 -2.82
N GLY A 85 26.24 17.63 -3.77
CA GLY A 85 27.62 17.23 -3.85
C GLY A 85 27.87 16.16 -2.82
N CYS A 86 27.07 15.10 -2.90
CA CYS A 86 27.24 13.91 -2.08
C CYS A 86 26.88 12.67 -2.89
N GLY A 87 26.44 12.85 -4.16
CA GLY A 87 26.31 11.69 -5.05
C GLY A 87 25.04 10.90 -4.79
N MET A 88 25.15 9.56 -4.69
CA MET A 88 23.99 8.72 -4.41
C MET A 88 24.35 7.57 -3.49
N GLY A 89 24.06 6.35 -3.93
CA GLY A 89 24.23 5.15 -3.14
C GLY A 89 23.05 5.02 -2.20
N PRO A 90 23.05 3.99 -1.34
CA PRO A 90 22.01 3.87 -0.31
C PRO A 90 22.38 4.54 1.02
N ALA A 91 23.54 5.22 1.09
CA ALA A 91 23.86 6.06 2.25
C ALA A 91 23.02 7.32 2.24
N SER A 92 22.82 7.93 1.05
CA SER A 92 21.96 9.11 0.83
C SER A 92 20.46 8.81 0.94
N MET A 93 20.09 7.58 1.24
CA MET A 93 18.72 7.13 1.13
C MET A 93 18.31 6.46 2.44
N THR A 94 17.21 6.95 3.01
CA THR A 94 16.64 6.34 4.21
C THR A 94 16.29 4.87 3.99
N LEU A 95 15.81 4.51 2.81
CA LEU A 95 15.48 3.13 2.45
C LEU A 95 16.62 2.55 1.60
N ASP A 96 17.20 1.43 2.04
CA ASP A 96 18.30 0.85 1.31
C ASP A 96 17.80 -0.05 0.18
N VAL A 97 18.69 -0.69 -0.55
CA VAL A 97 18.25 -1.48 -1.73
C VAL A 97 17.27 -2.56 -1.27
N GLN A 98 17.38 -3.03 -0.02
CA GLN A 98 16.55 -4.14 0.51
C GLN A 98 15.18 -3.60 0.90
N ALA A 99 15.13 -2.43 1.53
CA ALA A 99 13.87 -1.78 1.95
C ALA A 99 13.16 -1.30 0.70
N ARG A 100 13.92 -0.93 -0.34
CA ARG A 100 13.31 -0.53 -1.61
C ARG A 100 12.69 -1.74 -2.33
N GLN A 101 13.23 -2.94 -2.09
CA GLN A 101 12.69 -4.13 -2.75
C GLN A 101 11.37 -4.56 -2.13
N LEU A 102 11.30 -4.57 -0.80
CA LEU A 102 10.00 -4.72 -0.17
C LEU A 102 8.98 -3.75 -0.77
N LEU A 103 9.38 -2.50 -0.98
CA LEU A 103 8.40 -1.52 -1.44
C LEU A 103 7.91 -1.86 -2.85
N SER A 104 8.72 -2.51 -3.68
CA SER A 104 8.21 -2.96 -4.97
C SER A 104 7.11 -4.01 -4.78
N GLY A 105 7.34 -4.98 -3.89
CA GLY A 105 6.31 -5.98 -3.61
C GLY A 105 5.08 -5.40 -2.95
N ILE A 106 5.27 -4.35 -2.12
CA ILE A 106 4.12 -3.71 -1.51
C ILE A 106 3.31 -3.00 -2.57
N ASP A 107 3.99 -2.32 -3.49
CA ASP A 107 3.33 -1.61 -4.58
C ASP A 107 2.55 -2.58 -5.44
N GLN A 108 3.18 -3.70 -5.81
CA GLN A 108 2.49 -4.73 -6.57
C GLN A 108 1.28 -5.26 -5.83
N GLN A 109 1.41 -5.49 -4.53
CA GLN A 109 0.28 -6.06 -3.75
C GLN A 109 -0.83 -5.00 -3.72
N GLN A 110 -0.50 -3.73 -3.73
CA GLN A 110 -1.52 -2.65 -3.72
C GLN A 110 -2.35 -2.79 -5.00
N ASN A 111 -1.75 -3.08 -6.14
CA ASN A 111 -2.56 -3.21 -7.34
C ASN A 111 -3.38 -4.50 -7.31
N ASN A 112 -2.77 -5.62 -6.88
CA ASN A 112 -3.55 -6.85 -6.73
C ASN A 112 -4.80 -6.66 -5.91
N LEU A 113 -4.72 -5.93 -4.78
CA LEU A 113 -5.87 -5.77 -3.89
C LEU A 113 -6.93 -4.92 -4.54
N LYS A 114 -6.52 -3.99 -5.36
CA LYS A 114 -7.47 -3.13 -6.01
C LYS A 114 -8.20 -3.90 -7.08
N ARG A 115 -7.46 -4.66 -7.87
CA ARG A 115 -8.12 -5.51 -8.87
C ARG A 115 -9.12 -6.42 -8.19
N ALA A 116 -8.76 -6.92 -7.01
CA ALA A 116 -9.65 -7.90 -6.37
C ALA A 116 -10.89 -7.23 -5.81
N ILE A 117 -10.76 -6.07 -5.22
CA ILE A 117 -11.95 -5.49 -4.63
C ILE A 117 -12.86 -5.03 -5.74
N GLU A 118 -12.30 -4.65 -6.87
CA GLU A 118 -13.13 -4.31 -8.00
C GLU A 118 -13.84 -5.55 -8.54
N ALA A 119 -13.12 -6.63 -8.73
CA ALA A 119 -13.80 -7.83 -9.19
C ALA A 119 -14.98 -8.15 -8.30
N ILE A 120 -14.80 -7.99 -6.99
CA ILE A 120 -15.84 -8.35 -6.04
C ILE A 120 -17.01 -7.40 -6.19
N LYS A 121 -16.71 -6.11 -6.29
CA LYS A 121 -17.75 -5.14 -6.49
C LYS A 121 -18.56 -5.45 -7.74
N HIS A 122 -17.88 -5.76 -8.86
CA HIS A 122 -18.64 -6.02 -10.09
C HIS A 122 -19.44 -7.30 -9.96
N LEU A 123 -18.88 -8.29 -9.28
CA LEU A 123 -19.68 -9.50 -9.06
C LEU A 123 -20.97 -9.17 -8.34
N LEU A 124 -20.88 -8.51 -7.19
CA LEU A 124 -22.08 -8.21 -6.44
C LEU A 124 -23.02 -7.34 -7.25
N GLN A 125 -22.45 -6.42 -8.04
CA GLN A 125 -23.29 -5.59 -8.91
C GLN A 125 -24.12 -6.43 -9.88
N LEU A 126 -23.50 -7.39 -10.57
CA LEU A 126 -24.25 -8.27 -11.47
C LEU A 126 -25.26 -9.11 -10.69
N THR A 127 -24.76 -9.92 -9.76
CA THR A 127 -25.62 -10.72 -8.88
C THR A 127 -26.81 -9.90 -8.34
N CYS A 128 -26.70 -8.57 -8.30
CA CYS A 128 -27.78 -7.72 -7.77
C CYS A 128 -28.03 -6.48 -8.67
#